data_3Q3J
#
_entry.id   3Q3J
#
_cell.length_a   59.022
_cell.length_b   67.129
_cell.length_c   145.291
_cell.angle_alpha   90.000
_cell.angle_beta   90.000
_cell.angle_gamma   90.000
#
_symmetry.space_group_name_H-M   'I 2 2 2'
#
loop_
_entity.id
_entity.type
_entity.pdbx_description
1 polymer Plexin-A2
2 polymer 'Rho-related GTP-binding protein Rho6'
3 non-polymer 'UNKNOWN ATOM OR ION'
4 non-polymer 'PHOSPHOAMINOPHOSPHONIC ACID-GUANYLATE ESTER'
5 non-polymer 'MAGNESIUM ION'
6 water water
#
loop_
_entity_poly.entity_id
_entity_poly.type
_entity_poly.pdbx_seq_one_letter_code
_entity_poly.pdbx_strand_id
1 'polypeptide(L)'
;GLIRQQIEYKTLILNCVNPDNENSPEIPVKVLNCDTITQVKEKILDAVYKNVPYSQRPRAVDMDLEWRQGRIARVVLQDE
DITTKIEGDWKRLNTLMHYQVSDRSVVALVPK
;
A
2 'polypeptide(L)'
;MHHHHHHSSGRENLYFQGRAPQPVVARCKLVLVGDVQCGKTAMLQVLAKDCYPETYVPTVFENYTACLETEEQRVELSLW
DTSGSPYYDNVRPLCYSDSDAVLLCFDISRPETVDSALKKWRTEILDYCPSTRVLLIGCKTDLRTDLSTLMELSHQKQAP
ISYEQGCAIAKQLGAEIYLEGSAFTSEKSIHSIFRTASMLCLNKPSPLPQKSPV
;
B
#
loop_
_chem_comp.id
_chem_comp.type
_chem_comp.name
_chem_comp.formula
GNP non-polymer 'PHOSPHOAMINOPHOSPHONIC ACID-GUANYLATE ESTER' 'C10 H17 N6 O13 P3'
MG non-polymer 'MAGNESIUM ION' 'Mg 2'
UNX non-polymer 'UNKNOWN ATOM OR ION' ?
#
# COMPACT_ATOMS: atom_id res chain seq x y z
N LEU A 2 24.42 -5.84 -30.92
CA LEU A 2 24.28 -6.15 -29.46
C LEU A 2 22.79 -6.33 -29.10
N ILE A 3 22.48 -7.46 -28.46
CA ILE A 3 21.10 -7.86 -28.16
C ILE A 3 20.58 -7.25 -26.86
N ARG A 4 19.31 -6.85 -26.87
CA ARG A 4 18.64 -6.33 -25.67
C ARG A 4 17.94 -7.46 -24.92
N GLN A 5 17.91 -7.39 -23.59
CA GLN A 5 17.25 -8.42 -22.77
C GLN A 5 15.73 -8.50 -23.09
N GLN A 6 15.10 -9.63 -22.74
CA GLN A 6 13.63 -9.73 -22.79
C GLN A 6 13.06 -8.72 -21.79
N ILE A 7 13.61 -8.73 -20.58
CA ILE A 7 13.31 -7.73 -19.56
C ILE A 7 14.52 -6.81 -19.51
N GLU A 8 14.37 -5.61 -20.06
CA GLU A 8 15.52 -4.78 -20.43
C GLU A 8 16.14 -4.06 -19.24
N TYR A 9 17.43 -3.84 -19.31
CA TYR A 9 18.14 -3.04 -18.31
C TYR A 9 18.16 -1.61 -18.75
N LYS A 10 18.03 -0.69 -17.80
CA LYS A 10 18.00 0.73 -18.12
C LYS A 10 18.57 1.54 -16.98
N THR A 11 19.13 2.69 -17.30
CA THR A 11 19.54 3.60 -16.28
C THR A 11 18.31 4.37 -15.78
N LEU A 12 18.38 4.78 -14.53
CA LEU A 12 17.35 5.55 -13.86
C LEU A 12 18.08 6.65 -13.09
N ILE A 13 17.44 7.78 -12.88
CA ILE A 13 17.93 8.76 -11.92
C ILE A 13 17.08 8.67 -10.65
N LEU A 14 17.75 8.57 -9.50
CA LEU A 14 17.08 8.68 -8.21
C LEU A 14 17.38 10.06 -7.65
N ASN A 15 16.37 10.66 -7.03
CA ASN A 15 16.52 11.95 -6.39
C ASN A 15 16.79 11.70 -4.93
N CYS A 16 18.04 11.83 -4.53
CA CYS A 16 18.43 11.53 -3.16
C CYS A 16 18.31 12.78 -2.30
N VAL A 17 17.63 12.65 -1.17
CA VAL A 17 17.49 13.73 -0.23
C VAL A 17 18.88 14.15 0.25
N ASN A 18 19.13 15.46 0.27
CA ASN A 18 20.36 16.00 0.84
C ASN A 18 20.31 15.74 2.36
N PRO A 19 21.28 14.94 2.88
CA PRO A 19 21.27 14.58 4.31
C PRO A 19 21.47 15.76 5.28
N ASP A 20 22.18 16.79 4.85
CA ASP A 20 22.45 17.97 5.71
C ASP A 20 21.21 18.86 5.92
N ASN A 21 20.33 18.94 4.92
CA ASN A 21 19.10 19.73 5.03
C ASN A 21 18.04 19.27 4.03
N GLU A 22 16.89 18.83 4.56
CA GLU A 22 15.83 18.21 3.76
C GLU A 22 15.22 19.18 2.74
N ASN A 23 15.05 20.44 3.14
CA ASN A 23 14.43 21.45 2.27
C ASN A 23 15.32 21.90 1.10
N SER A 24 16.59 21.47 1.09
CA SER A 24 17.48 21.71 -0.04
C SER A 24 17.10 20.79 -1.20
N PRO A 25 17.45 21.18 -2.46
CA PRO A 25 17.10 20.32 -3.60
C PRO A 25 17.67 18.91 -3.48
N GLU A 26 16.94 17.94 -4.00
CA GLU A 26 17.41 16.56 -3.98
C GLU A 26 18.62 16.44 -4.92
N ILE A 27 19.47 15.48 -4.64
CA ILE A 27 20.66 15.22 -5.45
C ILE A 27 20.38 14.08 -6.44
N PRO A 28 20.44 14.38 -7.76
CA PRO A 28 20.22 13.31 -8.76
C PRO A 28 21.40 12.32 -8.84
N VAL A 29 21.09 11.02 -8.80
CA VAL A 29 22.11 9.97 -8.86
C VAL A 29 21.71 8.95 -9.93
N LYS A 30 22.57 8.75 -10.92
CA LYS A 30 22.30 7.79 -12.00
C LYS A 30 22.59 6.35 -11.53
N VAL A 31 21.63 5.46 -11.73
CA VAL A 31 21.77 4.07 -11.31
C VAL A 31 21.18 3.19 -12.40
N LEU A 32 21.35 1.88 -12.27
CA LEU A 32 20.73 0.91 -13.19
C LEU A 32 19.57 0.22 -12.49
N ASN A 33 18.51 -0.08 -13.25
CA ASN A 33 17.40 -0.83 -12.67
C ASN A 33 17.84 -2.25 -12.17
N CYS A 34 18.85 -2.85 -12.82
CA CYS A 34 19.37 -4.15 -12.38
C CYS A 34 20.42 -4.04 -11.25
N ASP A 35 20.72 -2.82 -10.78
CA ASP A 35 21.60 -2.64 -9.62
C ASP A 35 20.99 -3.24 -8.36
N THR A 36 21.80 -3.96 -7.59
CA THR A 36 21.39 -4.45 -6.29
C THR A 36 21.28 -3.27 -5.36
N ILE A 37 20.60 -3.43 -4.25
CA ILE A 37 20.46 -2.30 -3.32
C ILE A 37 21.84 -1.85 -2.82
N THR A 38 22.77 -2.77 -2.65
CA THR A 38 24.13 -2.40 -2.23
C THR A 38 24.82 -1.53 -3.27
N GLN A 39 24.66 -1.88 -4.54
CA GLN A 39 25.27 -1.11 -5.63
C GLN A 39 24.65 0.29 -5.73
N VAL A 40 23.34 0.37 -5.47
CA VAL A 40 22.67 1.65 -5.45
C VAL A 40 23.25 2.54 -4.35
N LYS A 41 23.38 1.98 -3.13
CA LYS A 41 23.92 2.75 -2.01
C LYS A 41 25.35 3.22 -2.30
N GLU A 42 26.19 2.33 -2.85
CA GLU A 42 27.56 2.71 -3.27
C GLU A 42 27.53 3.90 -4.22
N LYS A 43 26.64 3.87 -5.19
CA LYS A 43 26.56 4.98 -6.19
C LYS A 43 26.11 6.29 -5.53
N ILE A 44 25.11 6.20 -4.66
CA ILE A 44 24.69 7.41 -3.90
C ILE A 44 25.85 7.95 -3.04
N LEU A 45 26.57 7.08 -2.36
CA LEU A 45 27.72 7.48 -1.52
C LEU A 45 28.86 8.08 -2.35
N ASP A 46 29.04 7.60 -3.57
CA ASP A 46 30.07 8.15 -4.47
C ASP A 46 29.68 9.55 -4.92
N ALA A 47 28.41 9.72 -5.24
CA ALA A 47 27.88 11.00 -5.72
C ALA A 47 27.70 12.00 -4.58
N VAL A 48 27.22 11.53 -3.43
CA VAL A 48 26.91 12.43 -2.31
C VAL A 48 28.10 12.65 -1.37
N TYR A 49 29.22 11.92 -1.59
CA TYR A 49 30.46 12.14 -0.83
C TYR A 49 31.73 12.15 -1.71
N LYS A 50 31.65 12.79 -2.88
CA LYS A 50 32.83 12.94 -3.78
C LYS A 50 34.17 12.93 -3.04
N GLN A 56 36.55 8.78 5.96
CA GLN A 56 35.45 8.94 6.91
C GLN A 56 34.04 8.82 6.26
N ARG A 57 33.98 8.51 4.97
CA ARG A 57 32.68 8.31 4.31
C ARG A 57 31.93 7.16 4.97
N PRO A 58 30.59 7.28 5.07
CA PRO A 58 29.80 6.09 5.38
C PRO A 58 29.99 5.02 4.31
N ARG A 59 29.85 3.76 4.72
CA ARG A 59 29.93 2.63 3.80
C ARG A 59 28.54 2.17 3.46
N ALA A 60 28.41 1.44 2.36
CA ALA A 60 27.10 0.94 1.92
C ALA A 60 26.41 0.14 3.03
N VAL A 61 27.17 -0.71 3.70
CA VAL A 61 26.66 -1.52 4.83
C VAL A 61 26.29 -0.72 6.10
N ASP A 62 26.72 0.53 6.19
CA ASP A 62 26.37 1.37 7.34
C ASP A 62 25.03 2.09 7.19
N MET A 63 24.44 2.03 5.98
CA MET A 63 23.28 2.83 5.65
C MET A 63 22.11 1.96 5.17
N ASP A 64 20.89 2.41 5.44
CA ASP A 64 19.69 1.86 4.80
C ASP A 64 19.20 2.78 3.68
N LEU A 65 18.77 2.19 2.57
CA LEU A 65 18.13 2.92 1.49
C LEU A 65 16.65 3.04 1.82
N GLU A 66 16.15 4.26 1.82
CA GLU A 66 14.78 4.53 2.10
C GLU A 66 14.13 4.98 0.80
N TRP A 67 13.00 4.36 0.45
CA TRP A 67 12.17 4.83 -0.68
C TRP A 67 11.03 5.68 -0.10
N ARG A 68 10.98 6.95 -0.50
CA ARG A 68 10.01 7.90 0.07
C ARG A 68 8.80 8.15 -0.86
N GLN A 69 7.63 8.29 -0.27
CA GLN A 69 6.42 8.67 -1.01
C GLN A 69 5.75 9.81 -0.26
N GLY A 70 5.62 10.97 -0.90
CA GLY A 70 5.01 12.15 -0.26
C GLY A 70 5.79 12.61 0.96
N ARG A 71 5.07 13.09 1.96
CA ARG A 71 5.68 13.71 3.15
C ARG A 71 6.29 12.72 4.18
N ILE A 72 5.56 11.66 4.52
CA ILE A 72 5.89 10.81 5.66
C ILE A 72 6.17 9.34 5.30
N ALA A 73 5.46 8.80 4.30
CA ALA A 73 5.56 7.37 3.97
C ALA A 73 6.95 6.99 3.44
N ARG A 74 7.48 5.88 3.95
CA ARG A 74 8.80 5.41 3.52
C ARG A 74 8.97 3.94 3.87
N VAL A 75 9.73 3.26 3.03
CA VAL A 75 10.03 1.85 3.23
C VAL A 75 11.51 1.64 3.02
N VAL A 76 12.09 0.72 3.79
CA VAL A 76 13.50 0.38 3.66
C VAL A 76 13.66 -0.77 2.65
N LEU A 77 14.53 -0.54 1.67
CA LEU A 77 14.91 -1.52 0.66
C LEU A 77 16.30 -2.07 1.02
N GLN A 78 16.48 -3.37 0.84
CA GLN A 78 17.74 -4.07 1.18
C GLN A 78 17.98 -5.18 0.18
N ASP A 79 19.20 -5.69 0.17
CA ASP A 79 19.60 -6.79 -0.74
C ASP A 79 18.83 -8.03 -0.50
N GLU A 80 18.50 -8.29 0.76
CA GLU A 80 17.76 -9.47 1.16
C GLU A 80 16.75 -9.09 2.25
N ASP A 81 15.52 -9.53 2.07
CA ASP A 81 14.45 -9.30 3.07
C ASP A 81 13.34 -10.30 2.81
N ILE A 82 12.18 -10.11 3.45
CA ILE A 82 11.06 -11.03 3.32
C ILE A 82 10.54 -11.17 1.89
N THR A 83 10.86 -10.20 1.01
CA THR A 83 10.41 -10.23 -0.41
C THR A 83 11.36 -10.98 -1.35
N THR A 84 12.55 -11.33 -0.87
CA THR A 84 13.53 -12.05 -1.72
C THR A 84 13.04 -13.43 -2.14
N LYS A 85 13.23 -13.76 -3.42
CA LYS A 85 12.99 -15.11 -3.92
C LYS A 85 14.29 -15.89 -3.81
N ILE A 86 14.24 -17.03 -3.11
CA ILE A 86 15.45 -17.84 -2.87
C ILE A 86 15.91 -18.63 -4.11
N LYS A 91 19.62 -17.65 -4.50
CA LYS A 91 19.36 -16.39 -3.77
C LYS A 91 19.80 -15.17 -4.57
N ARG A 92 18.88 -14.60 -5.34
CA ARG A 92 19.12 -13.36 -6.08
C ARG A 92 19.08 -12.18 -5.11
N LEU A 93 20.06 -11.29 -5.19
CA LEU A 93 20.01 -10.07 -4.39
C LEU A 93 18.94 -9.15 -4.96
N ASN A 94 18.21 -8.47 -4.08
CA ASN A 94 17.16 -7.56 -4.51
C ASN A 94 17.76 -6.37 -5.27
N THR A 95 17.10 -6.01 -6.36
CA THR A 95 17.44 -4.89 -7.19
C THR A 95 16.33 -3.84 -7.18
N LEU A 96 16.59 -2.72 -7.84
CA LEU A 96 15.56 -1.70 -8.04
C LEU A 96 14.39 -2.23 -8.85
N MET A 97 14.68 -2.98 -9.90
CA MET A 97 13.60 -3.54 -10.67
C MET A 97 12.75 -4.57 -9.83
N HIS A 98 13.39 -5.29 -8.88
CA HIS A 98 12.65 -6.19 -7.96
C HIS A 98 11.54 -5.43 -7.24
N TYR A 99 11.90 -4.28 -6.69
CA TYR A 99 10.93 -3.44 -5.97
C TYR A 99 10.11 -2.53 -6.90
N GLN A 100 10.50 -2.46 -8.17
CA GLN A 100 9.87 -1.57 -9.16
C GLN A 100 10.00 -0.09 -8.79
N VAL A 101 11.18 0.30 -8.32
CA VAL A 101 11.46 1.70 -8.04
C VAL A 101 11.43 2.49 -9.36
N SER A 102 10.62 3.53 -9.41
CA SER A 102 10.45 4.29 -10.65
C SER A 102 11.54 5.34 -10.84
N ASP A 103 11.80 5.70 -12.10
CA ASP A 103 12.72 6.80 -12.45
C ASP A 103 12.28 8.05 -11.68
N ARG A 104 13.27 8.76 -11.13
CA ARG A 104 13.04 10.01 -10.37
C ARG A 104 12.33 9.83 -9.00
N SER A 105 12.27 8.60 -8.49
CA SER A 105 11.80 8.36 -7.13
C SER A 105 12.71 9.04 -6.12
N VAL A 106 12.11 9.51 -5.03
CA VAL A 106 12.83 10.17 -3.97
C VAL A 106 13.31 9.08 -3.05
N VAL A 107 14.62 9.08 -2.76
CA VAL A 107 15.22 8.13 -1.86
C VAL A 107 16.08 8.88 -0.86
N ALA A 108 16.43 8.19 0.22
CA ALA A 108 17.28 8.74 1.26
C ALA A 108 18.18 7.65 1.79
N LEU A 109 19.37 8.04 2.24
CA LEU A 109 20.24 7.15 2.99
C LEU A 109 20.17 7.49 4.46
N VAL A 110 19.74 6.54 5.28
CA VAL A 110 19.58 6.75 6.71
C VAL A 110 20.54 5.85 7.46
N PRO A 111 21.24 6.40 8.47
CA PRO A 111 22.15 5.59 9.27
C PRO A 111 21.42 4.45 9.97
N LYS A 112 21.88 3.22 9.76
CA LYS A 112 21.30 2.04 10.44
C LYS A 112 21.25 2.25 11.94
N ARG B 27 -2.07 5.24 19.73
CA ARG B 27 -1.36 4.99 18.42
C ARG B 27 -1.65 3.60 17.81
N CYS B 28 -2.29 3.59 16.64
CA CYS B 28 -2.75 2.36 15.97
C CYS B 28 -2.31 2.37 14.50
N LYS B 29 -1.64 1.30 14.04
CA LYS B 29 -1.22 1.19 12.63
C LYS B 29 -2.11 0.22 11.87
N LEU B 30 -2.76 0.75 10.83
CA LEU B 30 -3.65 -0.01 9.99
C LEU B 30 -3.08 0.03 8.59
N VAL B 31 -3.06 -1.12 7.95
CA VAL B 31 -2.63 -1.22 6.55
C VAL B 31 -3.80 -1.65 5.70
N LEU B 32 -4.08 -0.90 4.62
CA LEU B 32 -5.17 -1.24 3.69
C LEU B 32 -4.62 -1.99 2.48
N VAL B 33 -5.23 -3.14 2.20
CA VAL B 33 -4.88 -3.96 1.03
C VAL B 33 -6.16 -4.39 0.31
N GLY B 34 -6.03 -4.73 -0.98
CA GLY B 34 -7.16 -5.12 -1.79
C GLY B 34 -6.93 -4.73 -3.25
N ASP B 35 -7.76 -5.26 -4.14
CA ASP B 35 -7.55 -5.06 -5.58
C ASP B 35 -7.49 -3.60 -6.02
N VAL B 36 -6.87 -3.41 -7.17
CA VAL B 36 -6.80 -2.13 -7.81
C VAL B 36 -8.22 -1.58 -7.99
N GLN B 37 -8.32 -0.26 -7.90
CA GLN B 37 -9.58 0.49 -8.02
C GLN B 37 -10.70 0.07 -7.06
N CYS B 38 -10.39 -0.66 -5.98
CA CYS B 38 -11.45 -1.14 -5.11
C CYS B 38 -12.01 -0.05 -4.16
N GLY B 39 -11.23 1.02 -3.95
CA GLY B 39 -11.69 2.21 -3.20
C GLY B 39 -10.89 2.51 -1.92
N LYS B 40 -9.68 1.95 -1.81
CA LYS B 40 -8.84 2.17 -0.61
C LYS B 40 -8.39 3.61 -0.44
N THR B 41 -7.80 4.17 -1.49
CA THR B 41 -7.30 5.55 -1.42
C THR B 41 -8.43 6.58 -1.22
N ALA B 42 -9.58 6.34 -1.89
CA ALA B 42 -10.76 7.18 -1.70
C ALA B 42 -11.20 7.25 -0.23
N MET B 43 -11.22 6.11 0.45
CA MET B 43 -11.54 6.09 1.90
C MET B 43 -10.55 6.90 2.74
N LEU B 44 -9.26 6.71 2.49
CA LEU B 44 -8.25 7.40 3.30
C LEU B 44 -8.24 8.92 3.05
N GLN B 45 -8.44 9.31 1.80
CA GLN B 45 -8.54 10.71 1.43
C GLN B 45 -9.75 11.37 2.10
N VAL B 46 -10.88 10.64 2.15
CA VAL B 46 -12.09 11.16 2.83
C VAL B 46 -11.85 11.25 4.33
N LEU B 47 -11.31 10.17 4.92
CA LEU B 47 -11.00 10.17 6.36
C LEU B 47 -9.99 11.26 6.75
N ALA B 48 -8.84 11.27 6.09
CA ALA B 48 -7.69 12.06 6.54
C ALA B 48 -7.66 13.45 5.94
N LYS B 49 -8.13 13.58 4.70
CA LYS B 49 -8.02 14.86 3.98
C LYS B 49 -9.35 15.59 3.72
N ASP B 50 -10.48 14.97 4.06
CA ASP B 50 -11.82 15.50 3.69
C ASP B 50 -11.82 15.89 2.21
N CYS B 51 -11.62 14.90 1.36
CA CYS B 51 -11.38 15.12 -0.05
C CYS B 51 -11.62 13.80 -0.78
N TYR B 52 -12.53 13.80 -1.75
CA TYR B 52 -12.83 12.58 -2.51
C TYR B 52 -12.21 12.65 -3.91
N PRO B 53 -11.42 11.61 -4.28
CA PRO B 53 -10.83 11.51 -5.62
C PRO B 53 -11.75 10.88 -6.68
N GLU B 54 -12.42 11.72 -7.47
CA GLU B 54 -13.27 11.23 -8.56
C GLU B 54 -12.43 10.48 -9.60
N THR B 55 -11.23 11.00 -9.87
CA THR B 55 -10.31 10.42 -10.86
C THR B 55 -9.34 9.41 -10.19
N TYR B 56 -9.25 8.22 -10.78
CA TYR B 56 -8.39 7.17 -10.27
C TYR B 56 -6.89 7.44 -10.50
N VAL B 57 -6.14 7.63 -9.41
CA VAL B 57 -4.69 7.70 -9.42
C VAL B 57 -4.10 6.44 -8.75
N PRO B 58 -3.46 5.54 -9.53
CA PRO B 58 -2.90 4.31 -8.94
C PRO B 58 -1.87 4.61 -7.84
N THR B 59 -2.07 4.00 -6.67
CA THR B 59 -1.17 4.18 -5.57
C THR B 59 0.10 3.33 -5.76
N VAL B 60 1.23 3.78 -5.23
CA VAL B 60 2.36 2.87 -4.97
C VAL B 60 2.29 2.50 -3.48
N PHE B 61 2.73 3.41 -2.62
CA PHE B 61 2.35 3.33 -1.22
C PHE B 61 2.25 4.74 -0.64
N GLU B 62 1.55 4.88 0.47
CA GLU B 62 1.34 6.17 1.06
C GLU B 62 1.00 5.99 2.54
N ASN B 63 1.11 7.06 3.33
CA ASN B 63 0.71 7.01 4.71
C ASN B 63 -0.11 8.25 5.08
N TYR B 64 -1.17 8.04 5.83
CA TYR B 64 -1.99 9.14 6.33
C TYR B 64 -2.02 9.08 7.83
N THR B 65 -2.28 10.22 8.42
CA THR B 65 -2.47 10.27 9.84
C THR B 65 -3.86 10.83 10.07
N ALA B 66 -4.63 10.16 10.92
CA ALA B 66 -5.94 10.67 11.34
C ALA B 66 -6.02 10.53 12.85
N CYS B 67 -6.93 11.28 13.43
CA CYS B 67 -7.21 11.18 14.84
C CYS B 67 -8.72 11.12 15.03
N LEU B 68 -9.16 10.39 16.03
CA LEU B 68 -10.58 10.28 16.34
C LEU B 68 -10.77 9.80 17.77
N GLU B 69 -11.98 9.99 18.29
CA GLU B 69 -12.32 9.54 19.64
C GLU B 69 -13.22 8.30 19.55
N THR B 70 -12.96 7.33 20.43
CA THR B 70 -13.81 6.16 20.57
C THR B 70 -14.78 6.39 21.73
N GLN B 73 -10.92 8.17 25.36
CA GLN B 73 -10.01 7.45 24.46
C GLN B 73 -9.72 8.22 23.16
N ARG B 74 -8.66 9.03 23.18
CA ARG B 74 -8.13 9.61 21.95
C ARG B 74 -7.24 8.57 21.28
N VAL B 75 -7.37 8.41 19.96
CA VAL B 75 -6.52 7.46 19.22
C VAL B 75 -5.90 8.15 18.00
N GLU B 76 -4.59 7.96 17.83
CA GLU B 76 -3.90 8.44 16.63
C GLU B 76 -3.75 7.25 15.70
N LEU B 77 -4.23 7.40 14.47
CA LEU B 77 -4.13 6.33 13.47
C LEU B 77 -3.06 6.66 12.44
N SER B 78 -2.15 5.71 12.21
CA SER B 78 -1.23 5.76 11.08
C SER B 78 -1.78 4.78 10.04
N LEU B 79 -2.22 5.31 8.90
CA LEU B 79 -2.95 4.56 7.91
C LEU B 79 -2.04 4.36 6.69
N TRP B 80 -1.78 3.10 6.35
CA TRP B 80 -0.93 2.77 5.22
C TRP B 80 -1.79 2.33 4.05
N ASP B 81 -1.63 3.01 2.94
CA ASP B 81 -2.33 2.73 1.70
C ASP B 81 -1.34 2.00 0.83
N THR B 82 -1.78 0.92 0.19
CA THR B 82 -0.91 0.13 -0.67
C THR B 82 -1.54 -0.05 -2.04
N SER B 83 -0.70 -0.35 -3.03
CA SER B 83 -1.18 -0.68 -4.37
C SER B 83 -1.82 -2.04 -4.36
N GLY B 84 -2.98 -2.15 -5.02
CA GLY B 84 -3.60 -3.44 -5.27
C GLY B 84 -2.97 -4.22 -6.42
N SER B 85 -1.95 -3.63 -7.08
CA SER B 85 -1.44 -4.22 -8.31
C SER B 85 -0.37 -5.27 -8.03
N PRO B 86 -0.37 -6.36 -8.82
CA PRO B 86 0.72 -7.34 -8.79
C PRO B 86 2.07 -6.71 -9.07
N TYR B 87 2.05 -5.62 -9.86
CA TYR B 87 3.25 -4.87 -10.15
C TYR B 87 4.05 -4.58 -8.89
N TYR B 88 3.37 -4.30 -7.80
CA TYR B 88 4.05 -3.92 -6.55
C TYR B 88 4.05 -5.01 -5.47
N ASP B 89 3.93 -6.28 -5.88
CA ASP B 89 3.96 -7.44 -4.95
C ASP B 89 5.23 -7.48 -4.09
N ASN B 90 6.33 -6.93 -4.58
CA ASN B 90 7.57 -6.97 -3.82
C ASN B 90 7.77 -5.84 -2.82
N VAL B 91 7.06 -4.74 -2.97
CA VAL B 91 7.22 -3.67 -1.99
C VAL B 91 6.08 -3.59 -0.97
N ARG B 92 4.88 -3.95 -1.38
CA ARG B 92 3.72 -3.87 -0.50
C ARG B 92 3.91 -4.65 0.84
N PRO B 93 4.55 -5.84 0.80
CA PRO B 93 4.72 -6.60 2.07
C PRO B 93 5.54 -5.89 3.13
N LEU B 94 6.41 -5.00 2.70
CA LEU B 94 7.20 -4.21 3.61
C LEU B 94 6.35 -3.25 4.44
N CYS B 95 5.09 -3.05 4.05
CA CYS B 95 4.20 -2.18 4.78
C CYS B 95 3.51 -2.87 5.99
N TYR B 96 3.52 -4.22 6.01
CA TYR B 96 2.73 -4.98 6.99
C TYR B 96 3.33 -4.92 8.40
N SER B 97 4.63 -4.63 8.46
CA SER B 97 5.40 -4.67 9.69
C SER B 97 4.71 -3.91 10.83
N ASP B 98 4.53 -4.60 11.96
CA ASP B 98 4.06 -4.01 13.21
C ASP B 98 2.68 -3.34 13.09
N SER B 99 1.87 -3.84 12.17
CA SER B 99 0.54 -3.30 12.00
C SER B 99 -0.37 -3.94 13.04
N ASP B 100 -1.29 -3.14 13.57
CA ASP B 100 -2.26 -3.62 14.55
C ASP B 100 -3.43 -4.33 13.88
N ALA B 101 -3.71 -3.95 12.63
CA ALA B 101 -4.71 -4.64 11.83
C ALA B 101 -4.47 -4.45 10.35
N VAL B 102 -4.91 -5.42 9.57
CA VAL B 102 -4.97 -5.30 8.13
C VAL B 102 -6.43 -5.09 7.73
N LEU B 103 -6.67 -4.05 6.95
CA LEU B 103 -8.00 -3.83 6.41
C LEU B 103 -8.02 -4.40 5.00
N LEU B 104 -8.66 -5.55 4.84
CA LEU B 104 -8.79 -6.22 3.56
C LEU B 104 -10.05 -5.67 2.84
N CYS B 105 -9.81 -4.88 1.81
CA CYS B 105 -10.86 -4.14 1.13
C CYS B 105 -11.29 -4.81 -0.15
N PHE B 106 -12.58 -4.68 -0.48
CA PHE B 106 -13.08 -5.09 -1.78
C PHE B 106 -14.19 -4.13 -2.21
N ASP B 107 -14.52 -4.20 -3.50
CA ASP B 107 -15.46 -3.29 -4.14
C ASP B 107 -16.74 -4.07 -4.28
N ILE B 108 -17.77 -3.63 -3.55
CA ILE B 108 -19.05 -4.32 -3.55
C ILE B 108 -19.69 -4.40 -4.95
N SER B 109 -19.31 -3.51 -5.87
CA SER B 109 -19.85 -3.54 -7.24
C SER B 109 -19.12 -4.55 -8.17
N ARG B 110 -18.04 -5.16 -7.68
CA ARG B 110 -17.21 -6.09 -8.49
C ARG B 110 -16.89 -7.33 -7.70
N PRO B 111 -17.71 -8.37 -7.87
CA PRO B 111 -17.47 -9.62 -7.11
C PRO B 111 -16.14 -10.30 -7.37
N GLU B 112 -15.52 -10.04 -8.52
CA GLU B 112 -14.14 -10.54 -8.75
C GLU B 112 -13.16 -10.08 -7.63
N THR B 113 -13.46 -8.95 -6.98
CA THR B 113 -12.60 -8.45 -5.92
C THR B 113 -12.79 -9.23 -4.64
N VAL B 114 -13.95 -9.88 -4.49
CA VAL B 114 -14.19 -10.80 -3.39
C VAL B 114 -13.42 -12.08 -3.63
N ASP B 115 -13.39 -12.53 -4.87
CA ASP B 115 -12.59 -13.70 -5.25
C ASP B 115 -11.11 -13.46 -4.88
N SER B 116 -10.58 -12.29 -5.24
CA SER B 116 -9.19 -11.96 -4.90
C SER B 116 -8.96 -11.96 -3.40
N ALA B 117 -9.92 -11.42 -2.63
CA ALA B 117 -9.85 -11.43 -1.18
C ALA B 117 -9.69 -12.85 -0.60
N LEU B 118 -10.49 -13.79 -1.10
CA LEU B 118 -10.48 -15.14 -0.61
C LEU B 118 -9.23 -15.90 -1.06
N LYS B 119 -8.61 -15.44 -2.14
CA LYS B 119 -7.47 -16.12 -2.76
C LYS B 119 -6.14 -15.32 -2.58
N LYS B 120 -5.84 -14.38 -3.50
CA LYS B 120 -4.58 -13.59 -3.44
C LYS B 120 -4.34 -12.94 -2.06
N TRP B 121 -5.35 -12.23 -1.53
CA TRP B 121 -5.15 -11.41 -0.32
C TRP B 121 -5.07 -12.25 0.93
N ARG B 122 -5.93 -13.24 1.06
CA ARG B 122 -5.84 -14.18 2.18
C ARG B 122 -4.46 -14.82 2.22
N THR B 123 -4.00 -15.28 1.07
CA THR B 123 -2.71 -15.95 0.96
C THR B 123 -1.55 -15.02 1.30
N GLU B 124 -1.58 -13.78 0.78
CA GLU B 124 -0.54 -12.82 1.08
C GLU B 124 -0.49 -12.47 2.59
N ILE B 125 -1.66 -12.23 3.18
CA ILE B 125 -1.74 -11.93 4.63
C ILE B 125 -1.18 -13.10 5.44
N LEU B 126 -1.61 -14.31 5.09
CA LEU B 126 -1.09 -15.52 5.73
C LEU B 126 0.43 -15.75 5.51
N ASP B 127 0.97 -15.28 4.39
CA ASP B 127 2.40 -15.43 4.12
C ASP B 127 3.24 -14.41 4.89
N TYR B 128 2.71 -13.20 5.06
CA TYR B 128 3.50 -12.09 5.62
C TYR B 128 3.09 -11.65 7.02
N CYS B 129 1.82 -11.73 7.36
CA CYS B 129 1.38 -11.37 8.72
C CYS B 129 0.21 -12.23 9.22
N PRO B 130 0.46 -13.55 9.40
CA PRO B 130 -0.63 -14.50 9.67
C PRO B 130 -1.33 -14.31 11.01
N SER B 131 -0.64 -13.74 11.99
CA SER B 131 -1.19 -13.55 13.34
C SER B 131 -1.90 -12.20 13.52
N THR B 132 -1.87 -11.36 12.50
CA THR B 132 -2.45 -10.01 12.57
C THR B 132 -3.93 -10.07 12.25
N ARG B 133 -4.72 -9.37 13.07
CA ARG B 133 -6.14 -9.33 12.92
C ARG B 133 -6.51 -8.68 11.59
N VAL B 134 -7.53 -9.22 10.97
CA VAL B 134 -7.98 -8.74 9.69
C VAL B 134 -9.42 -8.26 9.80
N LEU B 135 -9.68 -7.07 9.26
CA LEU B 135 -11.03 -6.52 9.16
C LEU B 135 -11.41 -6.54 7.69
N LEU B 136 -12.57 -7.12 7.37
CA LEU B 136 -13.06 -7.15 5.97
C LEU B 136 -13.90 -5.89 5.69
N ILE B 137 -13.53 -5.15 4.66
CA ILE B 137 -14.11 -3.82 4.40
C ILE B 137 -14.69 -3.75 2.98
N GLY B 138 -15.99 -3.53 2.88
CA GLY B 138 -16.64 -3.31 1.58
C GLY B 138 -16.66 -1.84 1.21
N CYS B 139 -16.30 -1.54 -0.02
CA CYS B 139 -16.28 -0.19 -0.50
C CYS B 139 -17.35 0.03 -1.57
N LYS B 140 -17.78 1.30 -1.70
CA LYS B 140 -18.70 1.76 -2.74
C LYS B 140 -20.14 1.21 -2.55
N THR B 141 -20.62 1.13 -1.32
CA THR B 141 -22.00 0.63 -1.10
C THR B 141 -23.04 1.45 -1.84
N ASP B 142 -22.74 2.71 -2.15
CA ASP B 142 -23.69 3.55 -2.89
C ASP B 142 -24.09 2.92 -4.26
N LEU B 143 -23.16 2.17 -4.87
CA LEU B 143 -23.42 1.57 -6.20
C LEU B 143 -24.51 0.47 -6.20
N ARG B 144 -24.99 0.07 -5.02
CA ARG B 144 -26.16 -0.84 -4.93
C ARG B 144 -27.45 -0.24 -5.47
N THR B 145 -27.52 1.07 -5.55
CA THR B 145 -28.70 1.75 -6.06
C THR B 145 -28.39 2.46 -7.37
N ASP B 146 -27.21 2.22 -7.96
CA ASP B 146 -26.82 2.88 -9.20
C ASP B 146 -27.28 2.07 -10.41
N LEU B 147 -28.24 2.62 -11.15
CA LEU B 147 -28.90 1.90 -12.23
C LEU B 147 -27.92 1.29 -13.25
N SER B 148 -26.93 2.07 -13.67
CA SER B 148 -26.02 1.60 -14.73
C SER B 148 -25.09 0.47 -14.24
N THR B 149 -24.65 0.55 -12.99
CA THR B 149 -23.90 -0.53 -12.33
C THR B 149 -24.74 -1.83 -12.25
N LEU B 150 -25.98 -1.69 -11.82
CA LEU B 150 -26.90 -2.79 -11.70
C LEU B 150 -27.11 -3.49 -13.07
N MET B 151 -27.32 -2.68 -14.11
N MET B 151 -27.31 -2.73 -14.13
CA MET B 151 -27.53 -3.18 -15.49
CA MET B 151 -27.54 -3.34 -15.44
C MET B 151 -26.30 -3.93 -16.02
C MET B 151 -26.29 -3.94 -16.06
N GLU B 152 -25.11 -3.40 -15.70
CA GLU B 152 -23.86 -4.02 -16.12
C GLU B 152 -23.66 -5.37 -15.44
N LEU B 153 -23.89 -5.41 -14.12
CA LEU B 153 -23.79 -6.66 -13.37
C LEU B 153 -24.73 -7.72 -13.92
N SER B 154 -25.95 -7.32 -14.29
CA SER B 154 -26.96 -8.25 -14.80
C SER B 154 -26.50 -8.88 -16.13
N HIS B 155 -25.84 -8.08 -16.97
CA HIS B 155 -25.35 -8.57 -18.26
C HIS B 155 -24.13 -9.47 -18.10
N GLN B 156 -23.50 -9.42 -16.91
CA GLN B 156 -22.36 -10.24 -16.58
C GLN B 156 -22.71 -11.48 -15.70
N LYS B 157 -24.00 -11.77 -15.51
CA LYS B 157 -24.43 -12.84 -14.59
C LYS B 157 -23.87 -12.61 -13.16
N GLN B 158 -23.90 -11.36 -12.73
CA GLN B 158 -23.43 -10.94 -11.42
C GLN B 158 -24.46 -10.05 -10.71
N ALA B 159 -24.06 -9.58 -9.53
CA ALA B 159 -24.88 -8.73 -8.70
C ALA B 159 -23.93 -8.10 -7.70
N PRO B 160 -24.37 -7.01 -7.04
CA PRO B 160 -23.55 -6.39 -6.01
C PRO B 160 -23.44 -7.26 -4.79
N ILE B 161 -22.27 -7.22 -4.14
CA ILE B 161 -22.10 -7.91 -2.89
C ILE B 161 -23.01 -7.23 -1.85
N SER B 162 -23.81 -8.03 -1.16
CA SER B 162 -24.70 -7.50 -0.14
C SER B 162 -23.98 -7.41 1.21
N TYR B 163 -24.56 -6.67 2.15
CA TYR B 163 -24.06 -6.63 3.54
C TYR B 163 -24.01 -8.02 4.17
N GLU B 164 -25.11 -8.78 4.00
CA GLU B 164 -25.21 -10.14 4.52
C GLU B 164 -24.10 -11.02 3.93
N GLN B 165 -23.76 -10.78 2.65
CA GLN B 165 -22.73 -11.58 2.01
C GLN B 165 -21.36 -11.21 2.57
N GLY B 166 -21.16 -9.92 2.83
CA GLY B 166 -19.92 -9.44 3.45
C GLY B 166 -19.68 -10.09 4.79
N CYS B 167 -20.72 -10.19 5.59
CA CYS B 167 -20.63 -10.84 6.90
C CYS B 167 -20.23 -12.32 6.74
N ALA B 168 -20.80 -12.97 5.74
CA ALA B 168 -20.53 -14.39 5.51
C ALA B 168 -19.09 -14.60 5.03
N ILE B 169 -18.64 -13.74 4.14
CA ILE B 169 -17.28 -13.80 3.65
C ILE B 169 -16.27 -13.58 4.79
N ALA B 170 -16.57 -12.62 5.66
CA ALA B 170 -15.75 -12.37 6.86
C ALA B 170 -15.66 -13.62 7.75
N LYS B 171 -16.79 -14.30 7.95
CA LYS B 171 -16.81 -15.55 8.72
C LYS B 171 -15.91 -16.59 8.08
N GLN B 172 -16.10 -16.82 6.79
CA GLN B 172 -15.30 -17.78 6.03
C GLN B 172 -13.79 -17.51 6.12
N LEU B 173 -13.39 -16.25 6.02
CA LEU B 173 -11.98 -15.87 6.09
C LEU B 173 -11.36 -15.98 7.46
N GLY B 174 -12.15 -15.82 8.52
CA GLY B 174 -11.62 -15.61 9.85
C GLY B 174 -11.34 -14.15 10.16
N ALA B 175 -11.93 -13.24 9.39
CA ALA B 175 -11.82 -11.81 9.67
C ALA B 175 -12.60 -11.53 10.93
N GLU B 176 -12.16 -10.55 11.70
CA GLU B 176 -12.79 -10.25 12.99
C GLU B 176 -14.16 -9.58 12.84
N ILE B 177 -14.34 -8.84 11.74
CA ILE B 177 -15.58 -8.11 11.51
C ILE B 177 -15.73 -7.81 10.02
N TYR B 178 -16.97 -7.63 9.57
CA TYR B 178 -17.25 -7.00 8.29
C TYR B 178 -17.81 -5.60 8.48
N LEU B 179 -17.20 -4.62 7.82
CA LEU B 179 -17.68 -3.25 7.85
C LEU B 179 -17.72 -2.73 6.41
N GLU B 180 -18.63 -1.79 6.14
CA GLU B 180 -18.76 -1.23 4.80
C GLU B 180 -19.10 0.23 4.81
N GLY B 181 -18.85 0.88 3.67
CA GLY B 181 -19.22 2.26 3.52
C GLY B 181 -19.15 2.80 2.13
N SER B 182 -19.31 4.10 2.03
CA SER B 182 -19.28 4.78 0.76
C SER B 182 -18.50 6.08 0.90
N ALA B 183 -17.23 6.03 0.49
CA ALA B 183 -16.38 7.22 0.41
C ALA B 183 -17.02 8.31 -0.45
N PHE B 184 -17.74 7.90 -1.50
CA PHE B 184 -18.32 8.85 -2.44
C PHE B 184 -19.52 9.62 -1.84
N THR B 185 -20.36 8.95 -1.08
CA THR B 185 -21.63 9.56 -0.64
C THR B 185 -21.73 9.77 0.85
N SER B 186 -20.83 9.18 1.65
CA SER B 186 -20.96 9.29 3.09
C SER B 186 -19.63 9.40 3.79
N GLU B 187 -19.21 10.64 4.09
CA GLU B 187 -17.96 10.86 4.79
C GLU B 187 -18.04 10.20 6.17
N LYS B 188 -19.18 10.35 6.83
CA LYS B 188 -19.37 9.73 8.14
C LYS B 188 -19.28 8.19 8.11
N SER B 189 -19.70 7.55 7.01
CA SER B 189 -19.57 6.09 6.92
C SER B 189 -18.10 5.65 7.01
N ILE B 190 -17.20 6.46 6.47
CA ILE B 190 -15.77 6.13 6.52
C ILE B 190 -15.25 6.39 7.92
N HIS B 191 -15.67 7.49 8.53
CA HIS B 191 -15.30 7.76 9.92
C HIS B 191 -15.70 6.60 10.83
N SER B 192 -16.93 6.12 10.67
CA SER B 192 -17.42 5.01 11.47
C SER B 192 -16.64 3.69 11.25
N ILE B 193 -16.15 3.44 10.04
CA ILE B 193 -15.32 2.25 9.81
C ILE B 193 -14.04 2.34 10.70
N PHE B 194 -13.42 3.50 10.73
CA PHE B 194 -12.16 3.64 11.40
C PHE B 194 -12.29 3.79 12.89
N ARG B 195 -13.39 4.39 13.34
CA ARG B 195 -13.75 4.38 14.76
C ARG B 195 -13.90 2.95 15.25
N THR B 196 -14.62 2.14 14.48
CA THR B 196 -14.84 0.74 14.86
C THR B 196 -13.52 -0.05 14.79
N ALA B 197 -12.73 0.20 13.76
CA ALA B 197 -11.41 -0.42 13.62
C ALA B 197 -10.50 -0.08 14.80
N SER B 198 -10.48 1.19 15.19
CA SER B 198 -9.70 1.67 16.33
C SER B 198 -10.13 1.00 17.65
N MET B 199 -11.44 0.86 17.83
CA MET B 199 -11.99 0.20 19.02
C MET B 199 -11.60 -1.28 19.09
N LEU B 200 -11.67 -1.99 17.96
CA LEU B 200 -11.24 -3.41 17.90
C LEU B 200 -9.76 -3.60 18.24
N CYS B 201 -8.93 -2.64 17.85
CA CYS B 201 -7.50 -2.69 18.12
C CYS B 201 -7.15 -2.37 19.58
N LEU B 202 -7.97 -1.55 20.22
CA LEU B 202 -7.76 -1.19 21.64
C LEU B 202 -8.31 -2.23 22.61
N ASN B 203 -9.04 -3.23 22.11
CA ASN B 203 -9.67 -4.25 22.96
C ASN B 203 -9.39 -5.67 22.44
UNK UNX C . 6.56 6.44 7.30
UNK UNX D . 18.82 -4.86 -22.05
PG GNP E . -5.09 1.25 -6.13
O1G GNP E . -4.72 0.85 -7.52
O2G GNP E . -4.40 2.51 -5.68
O3G GNP E . -4.81 0.08 -5.28
N3B GNP E . -6.69 1.44 -6.14
PB GNP E . -7.53 2.10 -4.97
O1B GNP E . -6.74 2.97 -4.12
O2B GNP E . -8.23 1.04 -4.24
O3A GNP E . -8.68 2.85 -5.76
PA GNP E . -9.27 4.25 -5.40
O1A GNP E . -8.39 5.21 -6.09
O2A GNP E . -9.51 4.40 -3.97
O5' GNP E . -10.64 4.33 -6.15
C5' GNP E . -10.73 4.09 -7.57
C4' GNP E . -11.96 4.85 -8.09
O4' GNP E . -13.16 4.28 -7.55
C3' GNP E . -12.01 6.29 -7.67
O3' GNP E . -11.23 7.03 -8.60
C2' GNP E . -13.51 6.63 -7.70
O2' GNP E . -13.93 7.08 -8.98
C1' GNP E . -14.15 5.27 -7.38
N9 GNP E . -14.64 5.18 -6.04
C8 GNP E . -13.93 5.17 -4.88
N7 GNP E . -14.67 5.08 -3.82
C5 GNP E . -15.97 5.06 -4.34
C6 GNP E . -17.23 5.00 -3.68
O6 GNP E . -17.43 4.94 -2.46
N1 GNP E . -18.28 4.97 -4.58
C2 GNP E . -18.17 5.05 -5.95
N2 GNP E . -19.32 5.03 -6.68
N3 GNP E . -17.01 5.11 -6.58
C4 GNP E . -15.96 5.10 -5.69
MG MG F . -4.90 3.73 -4.21
UNK UNX G . 6.89 -5.78 -7.31
UNK UNX H . -20.87 13.08 3.18
UNK UNX I . -26.87 -8.45 -3.89
UNK UNX J . -22.67 2.22 4.17
UNK UNX K . 3.36 3.74 11.25
UNK UNX L . -2.51 -3.59 -12.00
UNK UNX M . -19.06 -10.43 11.00
#